data_6KWH
#
_entry.id   6KWH
#
_cell.length_a   48.402
_cell.length_b   58.633
_cell.length_c   69.591
_cell.angle_alpha   90.000
_cell.angle_beta   90.000
_cell.angle_gamma   90.000
#
_symmetry.space_group_name_H-M   'P 21 21 21'
#
loop_
_entity.id
_entity.type
_entity.pdbx_description
1 polymer 'Endo-1,4-beta-xylanase 2'
2 branched beta-D-xylopyranose-(1-4)-beta-D-xylopyranose-(1-4)-beta-D-xylopyranose
3 non-polymer 'IODIDE ION'
4 water water
#
_entity_poly.entity_id   1
_entity_poly.type   'polypeptide(L)'
_entity_poly.pdbx_seq_one_letter_code
;TIQPGTGYNNGYFYSYWNDGHGGVTYTNGPGGQFSVNWSNSGEFVGGKGWQPGTKNKVINFSGSYNPNGNSYLSVYGWSR
NPLIEYYIVENFGTYNPSTGATKLGEVTSDGSVYDIYRTQRVNQPSIIGTATFYQYWSVRRNHRSSGSVNTANHFNAWAQ
QGLTLGTMDYQIVAVNGYFSSGSASITVS
;
_entity_poly.pdbx_strand_id   A
#
loop_
_chem_comp.id
_chem_comp.type
_chem_comp.name
_chem_comp.formula
IOD non-polymer 'IODIDE ION' 'I -1'
XYP D-saccharide, beta linking beta-D-xylopyranose 'C5 H10 O5'
#
# COMPACT_ATOMS: atom_id res chain seq x y z
N THR A 1 8.44 16.83 8.69
CA THR A 1 7.36 16.85 7.72
C THR A 1 7.95 17.15 6.35
N ILE A 2 7.44 16.49 5.31
CA ILE A 2 8.06 16.59 4.00
C ILE A 2 7.01 16.87 2.93
N GLN A 3 7.52 17.38 1.80
CA GLN A 3 6.74 17.59 0.60
C GLN A 3 6.36 16.27 -0.04
N PRO A 4 5.21 16.19 -0.70
CA PRO A 4 4.98 15.07 -1.62
C PRO A 4 6.14 14.92 -2.58
N GLY A 5 6.47 13.68 -2.88
CA GLY A 5 7.63 13.36 -3.68
C GLY A 5 8.20 12.02 -3.24
N THR A 6 9.40 11.72 -3.72
CA THR A 6 10.10 10.50 -3.36
C THR A 6 11.53 10.82 -3.00
N GLY A 7 12.19 9.84 -2.39
CA GLY A 7 13.57 9.96 -1.99
C GLY A 7 13.91 8.90 -0.97
N TYR A 8 14.97 9.17 -0.22
CA TYR A 8 15.45 8.23 0.78
C TYR A 8 15.56 8.94 2.13
N ASN A 9 15.27 8.19 3.19
CA ASN A 9 15.35 8.71 4.55
C ASN A 9 15.81 7.57 5.43
N ASN A 10 16.90 7.80 6.16
CA ASN A 10 17.40 6.84 7.16
C ASN A 10 17.48 5.44 6.57
N GLY A 11 17.93 5.38 5.31
CA GLY A 11 18.21 4.13 4.65
C GLY A 11 17.06 3.52 3.88
N TYR A 12 15.87 4.12 3.94
CA TYR A 12 14.69 3.56 3.31
C TYR A 12 14.19 4.50 2.22
N PHE A 13 13.77 3.90 1.13
CA PHE A 13 13.01 4.65 0.14
C PHE A 13 11.69 5.08 0.73
N TYR A 14 11.22 6.28 0.37
CA TYR A 14 9.87 6.71 0.68
C TYR A 14 9.25 7.29 -0.56
N SER A 15 7.91 7.18 -0.63
CA SER A 15 7.11 7.88 -1.62
C SER A 15 5.91 8.42 -0.89
N TYR A 16 5.58 9.68 -1.17
CA TYR A 16 4.41 10.33 -0.58
C TYR A 16 3.71 11.11 -1.68
N TRP A 17 2.44 10.79 -1.93
CA TRP A 17 1.67 11.46 -2.97
C TRP A 17 0.30 11.90 -2.43
N ASN A 18 -0.15 13.09 -2.85
CA ASN A 18 -1.55 13.43 -2.64
C ASN A 18 -2.09 14.21 -3.84
N ASP A 19 -3.41 14.33 -3.89
CA ASP A 19 -4.11 14.95 -5.01
C ASP A 19 -4.21 16.48 -4.88
N GLY A 20 -3.51 17.07 -3.92
CA GLY A 20 -3.51 18.51 -3.73
C GLY A 20 -4.60 19.06 -2.83
N HIS A 21 -5.40 18.22 -2.18
CA HIS A 21 -6.56 18.72 -1.46
C HIS A 21 -6.24 19.24 -0.06
N GLY A 22 -5.08 18.93 0.49
CA GLY A 22 -4.75 19.33 1.84
C GLY A 22 -5.36 18.41 2.90
N GLY A 23 -4.99 18.67 4.15
CA GLY A 23 -5.49 17.90 5.27
C GLY A 23 -4.70 16.64 5.56
N VAL A 24 -3.45 16.55 5.13
N VAL A 24 -3.46 16.56 5.09
CA VAL A 24 -2.67 15.36 5.41
CA VAL A 24 -2.59 15.39 5.28
C VAL A 24 -1.21 15.77 5.62
C VAL A 24 -1.20 15.88 5.68
N THR A 25 -0.62 15.27 6.70
CA THR A 25 0.77 15.55 7.07
C THR A 25 1.51 14.21 7.15
N TYR A 26 2.62 14.11 6.42
CA TYR A 26 3.44 12.90 6.34
C TYR A 26 4.82 13.21 6.93
N THR A 27 5.26 12.36 7.85
N THR A 27 5.26 12.39 7.88
CA THR A 27 6.52 12.57 8.55
CA THR A 27 6.54 12.63 8.53
C THR A 27 7.41 11.34 8.41
C THR A 27 7.41 11.38 8.48
N ASN A 28 8.68 11.58 8.14
CA ASN A 28 9.68 10.53 8.20
C ASN A 28 10.34 10.57 9.57
N GLY A 29 10.49 9.40 10.17
CA GLY A 29 11.16 9.29 11.45
C GLY A 29 12.42 8.46 11.36
N PRO A 30 12.93 8.03 12.51
CA PRO A 30 14.18 7.25 12.54
C PRO A 30 14.02 5.90 11.85
N GLY A 31 15.13 5.42 11.28
CA GLY A 31 15.16 4.09 10.69
C GLY A 31 14.07 3.91 9.66
N GLY A 32 13.28 2.85 9.83
CA GLY A 32 12.18 2.56 8.92
C GLY A 32 10.85 3.16 9.31
N GLN A 33 10.86 4.19 10.16
CA GLN A 33 9.62 4.73 10.75
C GLN A 33 9.08 5.89 9.93
N PHE A 34 7.75 5.97 9.85
CA PHE A 34 7.04 7.11 9.29
C PHE A 34 5.68 7.22 9.97
N SER A 35 5.14 8.44 9.99
N SER A 35 5.15 8.45 10.00
CA SER A 35 3.82 8.69 10.55
CA SER A 35 3.83 8.72 10.56
C SER A 35 2.99 9.51 9.58
C SER A 35 2.99 9.47 9.54
N VAL A 36 1.66 9.37 9.71
CA VAL A 36 0.69 10.06 8.87
C VAL A 36 -0.39 10.57 9.80
N ASN A 37 -0.66 11.88 9.74
CA ASN A 37 -1.81 12.44 10.43
C ASN A 37 -2.63 13.20 9.40
N TRP A 38 -3.94 12.94 9.38
CA TRP A 38 -4.78 13.58 8.37
C TRP A 38 -6.15 13.93 8.94
N SER A 39 -6.73 14.99 8.38
CA SER A 39 -8.05 15.44 8.80
C SER A 39 -8.76 16.04 7.59
N ASN A 40 -9.89 15.42 7.21
CA ASN A 40 -10.65 15.84 6.03
C ASN A 40 -9.73 16.01 4.82
N SER A 41 -8.95 14.97 4.57
CA SER A 41 -8.02 14.94 3.47
C SER A 41 -8.78 14.86 2.16
N GLY A 42 -8.03 14.86 1.07
CA GLY A 42 -8.47 14.27 -0.19
C GLY A 42 -7.88 12.89 -0.37
N GLU A 43 -7.40 12.60 -1.58
CA GLU A 43 -6.75 11.32 -1.87
C GLU A 43 -5.24 11.37 -1.63
N PHE A 44 -4.68 10.35 -0.98
CA PHE A 44 -3.25 10.32 -0.73
C PHE A 44 -2.77 8.89 -0.45
N VAL A 45 -1.45 8.70 -0.55
CA VAL A 45 -0.78 7.46 -0.20
C VAL A 45 0.69 7.75 0.08
N GLY A 46 1.22 7.23 1.19
CA GLY A 46 2.62 7.43 1.54
C GLY A 46 3.14 6.32 2.45
N GLY A 47 4.45 6.09 2.39
CA GLY A 47 5.09 5.12 3.24
C GLY A 47 6.56 4.93 2.88
N LYS A 48 7.19 3.98 3.60
CA LYS A 48 8.61 3.65 3.46
C LYS A 48 8.81 2.24 2.93
N GLY A 49 9.92 2.03 2.23
CA GLY A 49 10.25 0.73 1.69
C GLY A 49 11.44 0.73 0.76
N TRP A 50 11.23 0.32 -0.48
CA TRP A 50 12.31 -0.02 -1.40
C TRP A 50 12.00 0.49 -2.80
N GLN A 51 13.05 0.91 -3.50
CA GLN A 51 12.99 1.24 -4.92
C GLN A 51 14.23 0.66 -5.60
N PRO A 52 14.09 -0.41 -6.38
CA PRO A 52 12.88 -1.18 -6.70
C PRO A 52 12.56 -2.23 -5.65
N GLY A 53 11.32 -2.71 -5.64
CA GLY A 53 10.95 -3.90 -4.91
C GLY A 53 11.48 -5.14 -5.60
N THR A 54 11.29 -6.27 -4.92
CA THR A 54 11.62 -7.58 -5.45
C THR A 54 10.39 -8.46 -5.35
N LYS A 55 10.46 -9.63 -6.00
CA LYS A 55 9.30 -10.50 -6.05
C LYS A 55 9.34 -11.56 -4.98
N ASN A 56 10.34 -11.49 -4.07
CA ASN A 56 10.38 -12.43 -2.95
C ASN A 56 10.77 -11.75 -1.65
N LYS A 57 10.45 -10.47 -1.48
CA LYS A 57 10.80 -9.78 -0.25
C LYS A 57 9.90 -10.21 0.89
N VAL A 58 10.48 -10.37 2.08
CA VAL A 58 9.71 -10.54 3.31
C VAL A 58 9.73 -9.19 4.03
N ILE A 59 8.56 -8.58 4.14
CA ILE A 59 8.41 -7.23 4.64
C ILE A 59 7.84 -7.34 6.05
N ASN A 60 8.48 -6.66 6.98
CA ASN A 60 8.04 -6.62 8.36
C ASN A 60 7.52 -5.22 8.68
N PHE A 61 6.44 -5.14 9.48
CA PHE A 61 5.89 -3.86 9.87
C PHE A 61 5.33 -3.93 11.28
N SER A 62 5.29 -2.79 11.96
N SER A 62 5.32 -2.78 11.95
CA SER A 62 4.76 -2.76 13.31
CA SER A 62 4.83 -2.69 13.32
C SER A 62 4.39 -1.33 13.70
C SER A 62 4.33 -1.28 13.57
N GLY A 63 3.22 -1.17 14.28
CA GLY A 63 2.86 0.15 14.80
C GLY A 63 1.37 0.26 15.10
N SER A 64 0.86 1.48 14.93
N SER A 64 0.88 1.48 14.95
CA SER A 64 -0.50 1.84 15.29
CA SER A 64 -0.50 1.82 15.27
C SER A 64 -1.17 2.50 14.09
C SER A 64 -1.15 2.43 14.04
N TYR A 65 -2.43 2.12 13.85
CA TYR A 65 -3.16 2.54 12.64
C TYR A 65 -4.60 2.86 13.07
N ASN A 66 -4.97 4.14 13.04
CA ASN A 66 -6.25 4.60 13.55
C ASN A 66 -6.98 5.45 12.50
N PRO A 67 -7.52 4.81 11.48
CA PRO A 67 -8.31 5.56 10.48
C PRO A 67 -9.69 5.90 10.98
N ASN A 68 -10.20 7.05 10.55
CA ASN A 68 -11.60 7.43 10.74
C ASN A 68 -12.17 7.73 9.35
N GLY A 69 -12.74 6.71 8.72
CA GLY A 69 -13.21 6.76 7.35
C GLY A 69 -12.42 5.87 6.40
N ASN A 70 -12.43 6.26 5.11
CA ASN A 70 -11.89 5.43 4.04
C ASN A 70 -10.36 5.52 4.07
N SER A 71 -9.70 4.39 4.34
CA SER A 71 -8.24 4.29 4.44
C SER A 71 -7.84 2.81 4.45
N TYR A 72 -6.66 2.51 3.89
CA TYR A 72 -6.02 1.19 3.96
C TYR A 72 -4.63 1.28 4.59
N LEU A 73 -4.20 0.14 5.16
CA LEU A 73 -2.81 -0.14 5.52
C LEU A 73 -2.37 -1.36 4.73
N SER A 74 -1.35 -1.19 3.88
N SER A 74 -1.34 -1.21 3.88
CA SER A 74 -1.02 -2.20 2.87
CA SER A 74 -1.03 -2.27 2.94
C SER A 74 0.48 -2.28 2.63
C SER A 74 0.44 -2.25 2.55
N VAL A 75 0.90 -3.39 2.03
CA VAL A 75 2.11 -3.42 1.20
C VAL A 75 1.66 -2.95 -0.17
N TYR A 76 2.25 -1.86 -0.65
CA TYR A 76 1.80 -1.12 -1.83
C TYR A 76 2.96 -0.90 -2.81
N GLY A 77 2.69 -1.03 -4.11
CA GLY A 77 3.74 -0.81 -5.07
C GLY A 77 3.22 -0.92 -6.49
N TRP A 78 4.18 -0.90 -7.40
CA TRP A 78 3.89 -0.82 -8.83
C TRP A 78 4.78 -1.79 -9.58
N SER A 79 4.30 -2.26 -10.71
CA SER A 79 5.16 -2.80 -11.75
C SER A 79 4.98 -1.97 -13.01
N ARG A 80 6.00 -2.04 -13.87
CA ARG A 80 5.96 -1.48 -15.23
C ARG A 80 5.91 -2.61 -16.24
N ASN A 81 5.25 -2.35 -17.36
CA ASN A 81 5.32 -3.24 -18.54
C ASN A 81 4.96 -4.68 -18.20
N PRO A 82 3.73 -4.96 -17.78
CA PRO A 82 2.57 -4.07 -17.72
C PRO A 82 2.54 -3.20 -16.49
N LEU A 83 1.91 -2.06 -16.65
CA LEU A 83 1.64 -1.14 -15.53
C LEU A 83 0.57 -1.71 -14.62
N ILE A 84 0.93 -1.93 -13.35
CA ILE A 84 0.02 -2.52 -12.39
C ILE A 84 0.25 -1.83 -11.07
N GLU A 85 -0.83 -1.43 -10.39
CA GLU A 85 -0.81 -0.94 -9.01
C GLU A 85 -1.32 -2.07 -8.09
N TYR A 86 -0.54 -2.47 -7.09
CA TYR A 86 -0.93 -3.62 -6.29
C TYR A 86 -0.92 -3.32 -4.79
N TYR A 87 -1.74 -4.08 -4.09
CA TYR A 87 -1.98 -3.90 -2.66
C TYR A 87 -2.07 -5.27 -1.99
N ILE A 88 -1.32 -5.45 -0.90
CA ILE A 88 -1.54 -6.52 0.04
C ILE A 88 -2.07 -5.85 1.30
N VAL A 89 -3.39 -5.90 1.47
CA VAL A 89 -4.10 -5.06 2.44
C VAL A 89 -4.20 -5.79 3.79
N GLU A 90 -3.57 -5.20 4.80
CA GLU A 90 -3.52 -5.77 6.14
C GLU A 90 -4.61 -5.23 7.06
N ASN A 91 -5.15 -4.05 6.75
CA ASN A 91 -6.18 -3.43 7.56
C ASN A 91 -6.81 -2.31 6.76
N PHE A 92 -7.99 -1.87 7.20
CA PHE A 92 -8.66 -0.77 6.51
C PHE A 92 -9.73 -0.17 7.42
N GLY A 93 -10.30 0.92 6.96
CA GLY A 93 -11.29 1.67 7.72
C GLY A 93 -12.69 1.26 7.31
N THR A 94 -13.46 2.22 6.79
CA THR A 94 -14.89 2.01 6.58
C THR A 94 -15.21 1.24 5.31
N TYR A 95 -14.23 1.05 4.41
CA TYR A 95 -14.49 0.47 3.10
C TYR A 95 -13.50 -0.66 2.82
N ASN A 96 -14.02 -1.84 2.62
CA ASN A 96 -13.22 -2.92 2.04
C ASN A 96 -12.98 -2.64 0.56
N PRO A 97 -11.72 -2.49 0.11
CA PRO A 97 -11.49 -2.04 -1.28
C PRO A 97 -11.96 -3.02 -2.33
N SER A 98 -12.29 -4.26 -1.93
CA SER A 98 -12.75 -5.29 -2.86
C SER A 98 -14.26 -5.32 -3.00
N THR A 99 -14.99 -4.45 -2.30
CA THR A 99 -16.43 -4.41 -2.41
C THR A 99 -16.86 -4.27 -3.86
N GLY A 100 -17.74 -5.17 -4.29
CA GLY A 100 -18.22 -5.16 -5.66
C GLY A 100 -17.28 -5.77 -6.68
N ALA A 101 -16.11 -6.22 -6.28
CA ALA A 101 -15.09 -6.69 -7.21
C ALA A 101 -15.15 -8.21 -7.39
N THR A 102 -14.64 -8.67 -8.53
CA THR A 102 -14.64 -10.09 -8.89
C THR A 102 -13.55 -10.81 -8.11
N LYS A 103 -13.94 -11.79 -7.31
CA LYS A 103 -12.99 -12.59 -6.56
C LYS A 103 -12.29 -13.56 -7.51
N LEU A 104 -10.96 -13.56 -7.49
CA LEU A 104 -10.18 -14.35 -8.43
C LEU A 104 -9.28 -15.37 -7.75
N GLY A 105 -9.49 -15.64 -6.48
CA GLY A 105 -8.71 -16.66 -5.79
C GLY A 105 -8.58 -16.36 -4.31
N GLU A 106 -7.91 -17.28 -3.62
CA GLU A 106 -7.58 -17.16 -2.20
C GLU A 106 -6.12 -17.55 -2.03
N VAL A 107 -5.48 -17.01 -0.99
CA VAL A 107 -4.09 -17.35 -0.67
C VAL A 107 -3.93 -17.34 0.86
N THR A 108 -3.29 -18.38 1.39
CA THR A 108 -3.01 -18.44 2.82
C THR A 108 -1.57 -18.01 3.05
N SER A 109 -1.36 -17.04 3.92
CA SER A 109 -0.03 -16.50 4.12
C SER A 109 0.02 -15.77 5.45
N ASP A 110 1.07 -16.01 6.23
CA ASP A 110 1.40 -15.18 7.39
C ASP A 110 0.25 -15.11 8.38
N GLY A 111 -0.44 -16.23 8.57
CA GLY A 111 -1.42 -16.34 9.64
C GLY A 111 -2.85 -16.01 9.28
N SER A 112 -3.16 -15.78 8.00
CA SER A 112 -4.53 -15.49 7.62
C SER A 112 -4.76 -15.94 6.19
N VAL A 113 -6.03 -16.16 5.85
CA VAL A 113 -6.41 -16.27 4.44
C VAL A 113 -6.63 -14.87 3.92
N TYR A 114 -6.29 -14.68 2.63
CA TYR A 114 -6.52 -13.46 1.87
C TYR A 114 -7.38 -13.78 0.66
N ASP A 115 -8.26 -12.85 0.31
CA ASP A 115 -9.07 -12.98 -0.90
C ASP A 115 -8.47 -12.09 -1.98
N ILE A 116 -8.42 -12.62 -3.21
CA ILE A 116 -7.71 -12.00 -4.32
C ILE A 116 -8.73 -11.41 -5.29
N TYR A 117 -8.46 -10.18 -5.74
CA TYR A 117 -9.34 -9.48 -6.69
C TYR A 117 -8.51 -8.70 -7.70
N ARG A 118 -9.18 -8.34 -8.81
CA ARG A 118 -8.62 -7.42 -9.80
C ARG A 118 -9.65 -6.35 -10.09
N THR A 119 -9.19 -5.11 -10.13
CA THR A 119 -10.03 -3.98 -10.51
C THR A 119 -9.27 -3.17 -11.55
N GLN A 120 -9.93 -2.12 -12.04
CA GLN A 120 -9.39 -1.29 -13.10
C GLN A 120 -9.59 0.17 -12.73
N ARG A 121 -8.52 0.98 -12.92
CA ARG A 121 -8.59 2.42 -12.85
C ARG A 121 -8.60 2.98 -14.27
N VAL A 122 -9.38 4.03 -14.50
CA VAL A 122 -9.59 4.56 -15.84
C VAL A 122 -9.22 6.04 -15.83
N ASN A 123 -8.22 6.38 -16.65
CA ASN A 123 -7.65 7.72 -16.78
C ASN A 123 -7.35 8.33 -15.41
N GLN A 124 -6.52 7.62 -14.64
CA GLN A 124 -6.13 8.04 -13.30
C GLN A 124 -4.62 8.23 -13.21
N PRO A 125 -4.16 8.97 -12.21
CA PRO A 125 -2.71 9.16 -12.04
C PRO A 125 -1.98 7.84 -11.82
N SER A 126 -0.72 7.82 -12.23
CA SER A 126 0.17 6.67 -12.07
C SER A 126 1.61 7.13 -12.07
N ILE A 127 2.52 6.17 -11.90
CA ILE A 127 3.95 6.47 -11.97
C ILE A 127 4.41 6.84 -13.39
N ILE A 128 3.56 6.72 -14.42
CA ILE A 128 3.95 7.09 -15.78
C ILE A 128 3.03 8.16 -16.38
N GLY A 129 2.18 8.77 -15.58
CA GLY A 129 1.21 9.76 -16.04
C GLY A 129 -0.19 9.19 -16.02
N THR A 130 -1.13 10.01 -16.47
CA THR A 130 -2.53 9.57 -16.53
C THR A 130 -2.64 8.32 -17.39
N ALA A 131 -3.36 7.32 -16.89
CA ALA A 131 -3.42 6.06 -17.62
C ALA A 131 -4.62 5.25 -17.16
N THR A 132 -4.93 4.22 -17.93
CA THR A 132 -5.86 3.18 -17.53
C THR A 132 -5.06 1.91 -17.23
N PHE A 133 -5.32 1.29 -16.07
CA PHE A 133 -4.45 0.19 -15.62
C PHE A 133 -5.19 -0.70 -14.61
N TYR A 134 -4.72 -1.95 -14.51
CA TYR A 134 -5.28 -2.87 -13.53
C TYR A 134 -4.66 -2.66 -12.17
N GLN A 135 -5.43 -3.02 -11.15
CA GLN A 135 -5.00 -3.12 -9.77
C GLN A 135 -5.18 -4.55 -9.31
N TYR A 136 -4.19 -5.08 -8.60
CA TYR A 136 -4.26 -6.40 -7.98
C TYR A 136 -4.38 -6.22 -6.47
N TRP A 137 -5.25 -7.03 -5.84
CA TRP A 137 -5.49 -6.97 -4.39
C TRP A 137 -5.38 -8.35 -3.76
N SER A 138 -4.73 -8.40 -2.58
CA SER A 138 -4.95 -9.45 -1.60
C SER A 138 -5.50 -8.74 -0.36
N VAL A 139 -6.68 -9.14 0.09
CA VAL A 139 -7.33 -8.50 1.24
C VAL A 139 -7.34 -9.46 2.41
N ARG A 140 -6.61 -9.11 3.47
CA ARG A 140 -6.47 -10.01 4.61
C ARG A 140 -7.80 -10.13 5.34
N ARG A 141 -8.20 -11.36 5.70
CA ARG A 141 -9.44 -11.50 6.42
C ARG A 141 -9.29 -11.09 7.88
N ASN A 142 -8.12 -11.38 8.47
CA ASN A 142 -7.82 -11.07 9.89
C ASN A 142 -7.02 -9.78 9.97
N HIS A 143 -7.69 -8.68 10.30
CA HIS A 143 -7.04 -7.37 10.24
C HIS A 143 -5.95 -7.22 11.32
N ARG A 144 -4.86 -6.55 10.95
CA ARG A 144 -3.80 -6.28 11.90
C ARG A 144 -3.00 -5.05 11.46
N SER A 145 -2.18 -4.54 12.40
CA SER A 145 -1.26 -3.41 12.19
C SER A 145 0.19 -3.75 12.53
N SER A 146 0.51 -5.01 12.75
CA SER A 146 1.88 -5.50 12.84
C SER A 146 1.90 -6.87 12.19
N GLY A 147 3.09 -7.28 11.72
CA GLY A 147 3.28 -8.62 11.18
C GLY A 147 4.39 -8.68 10.14
N SER A 148 4.37 -9.79 9.41
N SER A 148 4.45 -9.82 9.46
CA SER A 148 5.34 -10.10 8.37
CA SER A 148 5.35 -10.04 8.34
C SER A 148 4.58 -10.50 7.11
C SER A 148 4.55 -10.44 7.12
N VAL A 149 4.97 -9.97 5.95
CA VAL A 149 4.32 -10.30 4.67
C VAL A 149 5.35 -10.98 3.78
N ASN A 150 5.11 -12.25 3.47
CA ASN A 150 5.91 -12.99 2.50
C ASN A 150 5.33 -12.69 1.11
N THR A 151 5.90 -11.68 0.46
CA THR A 151 5.31 -11.14 -0.78
C THR A 151 5.26 -12.20 -1.88
N ALA A 152 6.21 -13.13 -1.88
CA ALA A 152 6.25 -14.12 -2.94
C ALA A 152 4.97 -14.95 -2.95
N ASN A 153 4.41 -15.20 -1.76
CA ASN A 153 3.18 -15.97 -1.67
C ASN A 153 2.05 -15.29 -2.44
N HIS A 154 1.97 -13.96 -2.32
CA HIS A 154 0.94 -13.21 -3.04
C HIS A 154 1.26 -13.10 -4.54
N PHE A 155 2.48 -12.71 -4.88
CA PHE A 155 2.82 -12.52 -6.28
C PHE A 155 2.70 -13.84 -7.04
N ASN A 156 3.10 -14.95 -6.41
CA ASN A 156 2.97 -16.26 -7.03
C ASN A 156 1.51 -16.67 -7.17
N ALA A 157 0.70 -16.45 -6.12
CA ALA A 157 -0.74 -16.72 -6.23
C ALA A 157 -1.40 -15.87 -7.33
N TRP A 158 -1.08 -14.57 -7.39
CA TRP A 158 -1.65 -13.74 -8.44
C TRP A 158 -1.28 -14.30 -9.82
N ALA A 159 0.00 -14.58 -10.04
CA ALA A 159 0.47 -15.06 -11.34
C ALA A 159 -0.27 -16.34 -11.73
N GLN A 160 -0.48 -17.20 -10.75
CA GLN A 160 -1.21 -18.45 -10.96
C GLN A 160 -2.60 -18.19 -11.49
N GLN A 161 -3.25 -17.13 -11.03
CA GLN A 161 -4.62 -16.83 -11.43
C GLN A 161 -4.69 -15.97 -12.70
N GLY A 162 -3.54 -15.62 -13.27
CA GLY A 162 -3.49 -14.80 -14.46
C GLY A 162 -3.27 -13.34 -14.21
N LEU A 163 -2.88 -12.96 -12.99
CA LEU A 163 -2.56 -11.58 -12.65
C LEU A 163 -1.04 -11.49 -12.61
N THR A 164 -0.44 -11.23 -13.77
CA THR A 164 1.01 -11.21 -13.80
C THR A 164 1.51 -9.79 -13.66
N LEU A 165 2.72 -9.68 -13.12
CA LEU A 165 3.41 -8.43 -12.88
C LEU A 165 4.56 -8.25 -13.87
N GLY A 166 4.89 -7.01 -14.15
CA GLY A 166 6.04 -6.70 -14.98
C GLY A 166 7.28 -6.50 -14.14
N THR A 167 8.09 -5.52 -14.55
N THR A 167 8.11 -5.54 -14.54
CA THR A 167 9.25 -5.14 -13.77
CA THR A 167 9.29 -5.22 -13.73
C THR A 167 8.82 -4.34 -12.55
C THR A 167 8.90 -4.31 -12.58
N MET A 168 9.38 -4.66 -11.40
CA MET A 168 9.00 -3.94 -10.18
C MET A 168 9.55 -2.52 -10.16
N ASP A 169 8.69 -1.60 -9.78
CA ASP A 169 9.10 -0.24 -9.43
C ASP A 169 9.15 -0.21 -7.90
N TYR A 170 8.67 0.85 -7.26
CA TYR A 170 8.83 0.91 -5.80
C TYR A 170 7.84 -0.03 -5.09
N GLN A 171 8.10 -0.23 -3.80
CA GLN A 171 7.42 -1.24 -3.00
C GLN A 171 7.56 -0.77 -1.55
N ILE A 172 6.45 -0.38 -0.92
CA ILE A 172 6.49 0.27 0.38
C ILE A 172 5.39 -0.30 1.27
N VAL A 173 5.54 -0.08 2.58
CA VAL A 173 4.41 -0.23 3.49
C VAL A 173 3.77 1.14 3.54
N ALA A 174 2.48 1.22 3.22
CA ALA A 174 1.83 2.50 3.02
C ALA A 174 0.50 2.62 3.71
N VAL A 175 0.18 3.86 4.07
CA VAL A 175 -1.17 4.26 4.46
C VAL A 175 -1.80 4.97 3.27
N ASN A 176 -2.92 4.43 2.78
CA ASN A 176 -3.77 5.07 1.76
C ASN A 176 -4.93 5.81 2.46
N GLY A 177 -5.38 6.91 1.87
CA GLY A 177 -6.56 7.59 2.36
C GLY A 177 -7.37 8.19 1.23
N TYR A 178 -8.69 8.28 1.41
CA TYR A 178 -9.58 8.90 0.42
C TYR A 178 -10.64 9.69 1.17
N PHE A 179 -10.47 11.01 1.23
CA PHE A 179 -11.42 11.94 1.84
C PHE A 179 -11.82 11.45 3.23
N SER A 180 -10.84 11.40 4.12
CA SER A 180 -11.06 10.82 5.44
C SER A 180 -10.17 11.51 6.46
N SER A 181 -10.15 10.95 7.67
CA SER A 181 -9.31 11.43 8.77
C SER A 181 -8.67 10.22 9.44
N GLY A 182 -7.60 10.47 10.18
CA GLY A 182 -6.98 9.42 10.98
C GLY A 182 -5.56 9.78 11.43
N SER A 183 -4.95 8.82 12.13
CA SER A 183 -3.53 8.89 12.45
C SER A 183 -2.91 7.49 12.38
N ALA A 184 -1.60 7.46 12.17
CA ALA A 184 -0.89 6.19 12.07
C ALA A 184 0.59 6.42 12.30
N SER A 185 1.23 5.41 12.87
CA SER A 185 2.66 5.41 13.08
C SER A 185 3.16 3.99 12.81
N ILE A 186 4.00 3.83 11.79
CA ILE A 186 4.40 2.52 11.27
C ILE A 186 5.91 2.47 11.13
N THR A 187 6.52 1.32 11.48
CA THR A 187 7.95 1.07 11.33
C THR A 187 8.18 -0.13 10.42
N VAL A 188 8.97 0.06 9.38
CA VAL A 188 9.19 -0.96 8.37
C VAL A 188 10.61 -1.52 8.49
N SER A 189 10.76 -2.80 8.15
CA SER A 189 12.06 -3.40 7.91
C SER A 189 12.00 -4.54 6.89
O1 XYP B . -5.38 5.24 -4.64
C1 XYP B . -4.31 5.27 -5.60
C2 XYP B . -4.60 5.61 -7.09
C3 XYP B . -3.31 6.07 -7.77
C4 XYP B . -2.52 7.05 -6.98
C5 XYP B . -2.65 6.69 -5.44
O2 XYP B . -5.29 4.39 -7.50
O3 XYP B . -4.04 6.42 -9.06
O4 XYP B . -1.21 6.76 -7.58
O5 XYP B . -3.85 6.43 -5.13
HO1 XYP B . -5.67 4.44 -4.57
H1 XYP B . -3.67 4.55 -5.49
H2 XYP B . -5.24 6.33 -7.12
H3 XYP B . -2.75 5.30 -7.93
H4 XYP B . -2.80 7.96 -7.15
H51 XYP B . -2.35 7.45 -4.91
H52 XYP B . -2.09 5.92 -5.24
HO2 XYP B . -5.97 4.26 -7.00
HO3 XYP B . -3.65 6.03 -9.71
HO4 XYP B . -1.02 5.94 -7.48
C1 XYP B . -0.16 7.82 -7.60
C2 XYP B . 1.09 7.09 -7.15
C3 XYP B . 2.33 7.99 -7.26
C4 XYP B . 2.44 8.56 -8.65
C5 XYP B . 1.15 9.17 -8.90
O2 XYP B . 1.05 6.66 -5.77
O3 XYP B . 3.60 7.38 -7.02
O4 XYP B . 3.22 9.71 -8.63
O5 XYP B . 0.01 8.20 -9.00
H1 XYP B . -0.27 8.62 -7.07
H2 XYP B . 1.21 6.31 -7.72
H3 XYP B . 2.22 8.72 -6.63
H4 XYP B . 2.70 7.92 -9.33
H51 XYP B . 0.96 9.80 -8.18
H52 XYP B . 1.20 9.68 -9.74
HO2 XYP B . 0.98 5.81 -5.75
HO3 XYP B . 4.00 7.78 -6.40
HO4 XYP B . 3.28 9.99 -7.83
C1 XYP B . 3.77 10.43 -9.89
C2 XYP B . 4.21 11.75 -9.37
C3 XYP B . 4.57 12.15 -10.71
C4 XYP B . 5.71 11.47 -11.36
C5 XYP B . 4.94 10.06 -11.50
O2 XYP B . 3.15 12.64 -9.04
O3 XYP B . 5.02 13.54 -10.46
O4 XYP B . 6.36 11.88 -12.64
O5 XYP B . 4.68 9.45 -10.21
H1 XYP B . 3.17 10.56 -10.65
H2 XYP B . 4.96 11.73 -8.76
H3 XYP B . 3.78 12.14 -11.29
H4 XYP B . 6.42 11.37 -10.70
H51 XYP B . 5.49 9.45 -12.03
H52 XYP B . 4.10 10.20 -11.95
HO2 XYP B . 3.06 12.66 -8.20
HO3 XYP B . 4.35 14.05 -10.44
HO4 XYP B . 7.08 11.43 -12.76
I IOD C . -2.48 -5.82 15.78
I IOD D . 11.55 -7.63 -11.37
I IOD E . -11.37 -5.70 -13.88
I IOD F . 0.53 11.72 -12.61
#